data_6KPO
#
_entry.id   6KPO
#
_cell.length_a   105.912
_cell.length_b   105.912
_cell.length_c   62.217
_cell.angle_alpha   90.000
_cell.angle_beta   90.000
_cell.angle_gamma   120.000
#
_symmetry.space_group_name_H-M   'P 65'
#
loop_
_entity.id
_entity.type
_entity.pdbx_description
1 polymer Chitinase
2 branched alpha-L-fucopyranose-(1-6)-2-acetamido-2-deoxy-beta-D-glucopyranose
3 non-polymer 'TRIETHYLENE GLYCOL'
4 non-polymer DI(HYDROXYETHYL)ETHER
5 non-polymer ASPARAGINE
6 water water
#
_entity_poly.entity_id   1
_entity_poly.type   'polypeptide(L)'
_entity_poly.pdbx_seq_one_letter_code
;MSSSVCPSDNTHATGAALQKILDYKKGDHQIMAGYFRSWRDTASGTGNKVSMLDLPDCLDIAFVFPEGDETASFWTTLKD
TYVPALHGRGIKVVRSVGIAQLINTAWDNTPAGWQGLADALMKTVDDYGLDGLDINVQQSLNANQLKQATGVFNALAKKL
GPKSGTGKLLIFDTNMDGTQPLWRNVYPTISYVLIQSYGRSISGLQTTYNSFKSYISSKQYLIGFSFYEENGTNWGDTTT
PMTSSRAWQYAKWQPSGATKGGIFSYAIDRDGVAIGDNTLKTTDFTWTRQLIGAMNPHHHHHH
;
_entity_poly.pdbx_strand_id   A
#
# COMPACT_ATOMS: atom_id res chain seq x y z
N SER A 4 20.28 4.15 -6.86
CA SER A 4 21.49 5.05 -6.96
C SER A 4 21.22 6.29 -7.85
N VAL A 5 20.10 6.35 -8.56
CA VAL A 5 19.58 7.60 -9.22
C VAL A 5 18.64 8.35 -8.25
N CYS A 6 18.57 7.93 -6.98
CA CYS A 6 17.61 8.44 -5.96
C CYS A 6 18.30 9.43 -5.01
N PRO A 7 17.71 10.63 -4.76
CA PRO A 7 18.31 11.62 -3.85
C PRO A 7 18.65 11.15 -2.42
N SER A 8 19.78 11.63 -1.89
CA SER A 8 20.30 11.36 -0.52
C SER A 8 19.50 12.17 0.52
N ASP A 9 18.75 13.17 0.05
CA ASP A 9 17.71 13.92 0.81
C ASP A 9 16.38 13.73 0.06
N ASN A 10 15.36 14.52 0.35
CA ASN A 10 14.01 14.41 -0.31
C ASN A 10 13.87 15.52 -1.35
N THR A 11 14.84 15.65 -2.25
CA THR A 11 14.76 16.58 -3.40
C THR A 11 13.76 16.01 -4.42
N HIS A 12 13.03 16.88 -5.13
CA HIS A 12 12.00 16.51 -6.14
C HIS A 12 12.52 16.86 -7.55
N ALA A 13 13.18 15.90 -8.22
CA ALA A 13 13.80 16.03 -9.55
C ALA A 13 12.84 16.65 -10.58
N THR A 14 13.38 17.23 -11.67
CA THR A 14 12.68 18.19 -12.58
C THR A 14 12.85 17.84 -14.07
N GLY A 15 14.01 17.34 -14.49
CA GLY A 15 14.34 17.10 -15.91
C GLY A 15 15.14 15.82 -16.10
N ALA A 16 16.46 15.95 -16.29
CA ALA A 16 17.39 14.80 -16.47
C ALA A 16 17.32 13.92 -15.22
N ALA A 17 17.56 14.51 -14.04
CA ALA A 17 17.54 13.84 -12.71
C ALA A 17 16.22 13.06 -12.57
N LEU A 18 15.13 13.57 -13.16
CA LEU A 18 13.77 12.98 -13.08
C LEU A 18 13.67 11.74 -13.97
N GLN A 19 13.98 11.90 -15.26
CA GLN A 19 13.90 10.81 -16.28
C GLN A 19 14.65 9.56 -15.80
N LYS A 20 15.81 9.74 -15.16
CA LYS A 20 16.66 8.63 -14.62
C LYS A 20 15.89 7.88 -13.53
N ILE A 21 15.06 8.58 -12.74
CA ILE A 21 14.16 8.00 -11.69
C ILE A 21 13.00 7.28 -12.40
N LEU A 22 12.40 7.90 -13.40
CA LEU A 22 11.34 7.26 -14.21
C LEU A 22 11.88 5.94 -14.77
N ASP A 23 13.06 5.96 -15.40
CA ASP A 23 13.65 4.78 -16.09
C ASP A 23 14.01 3.71 -15.06
N TYR A 24 14.44 4.11 -13.86
CA TYR A 24 14.70 3.21 -12.70
C TYR A 24 13.44 2.40 -12.42
N LYS A 25 12.32 3.10 -12.30
CA LYS A 25 10.99 2.57 -11.90
C LYS A 25 10.46 1.67 -13.01
N LYS A 26 10.82 1.93 -14.27
CA LYS A 26 10.36 1.11 -15.44
C LYS A 26 11.10 -0.23 -15.44
N GLY A 27 12.31 -0.28 -14.90
CA GLY A 27 13.14 -1.50 -14.84
C GLY A 27 12.94 -2.29 -13.56
N ASP A 28 13.64 -3.42 -13.45
CA ASP A 28 13.60 -4.39 -12.32
C ASP A 28 14.10 -3.75 -11.03
N HIS A 29 13.26 -3.71 -10.01
CA HIS A 29 13.65 -3.29 -8.65
C HIS A 29 12.67 -3.88 -7.66
N GLN A 30 13.14 -4.12 -6.44
CA GLN A 30 12.28 -4.24 -5.24
C GLN A 30 11.55 -2.91 -5.03
N ILE A 31 10.22 -2.96 -5.01
CA ILE A 31 9.35 -1.75 -4.97
C ILE A 31 9.10 -1.36 -3.50
N MET A 32 8.86 -0.07 -3.29
CA MET A 32 8.46 0.50 -1.97
C MET A 32 7.03 1.02 -2.10
N ALA A 33 6.18 0.65 -1.15
CA ALA A 33 4.83 1.24 -1.02
C ALA A 33 4.69 1.82 0.39
N GLY A 34 3.70 2.70 0.55
CA GLY A 34 3.45 3.42 1.80
C GLY A 34 1.99 3.79 1.93
N TYR A 35 1.42 3.53 3.09
CA TYR A 35 0.05 3.92 3.45
C TYR A 35 0.11 5.32 4.05
N PHE A 36 -0.44 6.30 3.34
CA PHE A 36 -0.60 7.71 3.78
C PHE A 36 -1.98 7.92 4.44
N ARG A 37 -1.97 8.11 5.76
CA ARG A 37 -3.19 8.33 6.56
C ARG A 37 -3.76 9.67 6.11
N SER A 38 -4.90 9.64 5.43
CA SER A 38 -5.54 10.79 4.75
C SER A 38 -5.85 11.88 5.77
N TRP A 39 -6.24 11.49 6.99
CA TRP A 39 -6.64 12.42 8.07
C TRP A 39 -5.42 13.14 8.63
N ARG A 40 -4.21 12.82 8.16
CA ARG A 40 -2.95 13.45 8.62
C ARG A 40 -2.37 14.29 7.48
N ASP A 41 -3.10 14.43 6.38
CA ASP A 41 -2.70 15.32 5.25
C ASP A 41 -3.02 16.78 5.61
N THR A 42 -2.10 17.70 5.32
CA THR A 42 -2.27 19.17 5.56
C THR A 42 -3.60 19.66 5.00
N ALA A 43 -4.04 19.13 3.86
CA ALA A 43 -5.29 19.49 3.16
C ALA A 43 -6.52 18.96 3.92
N SER A 44 -6.34 18.15 4.95
CA SER A 44 -7.47 17.63 5.79
C SER A 44 -7.45 18.27 7.18
N GLY A 45 -8.59 18.82 7.62
CA GLY A 45 -8.72 19.59 8.87
C GLY A 45 -7.57 20.58 9.02
N THR A 46 -6.92 20.62 10.19
CA THR A 46 -5.78 21.53 10.50
C THR A 46 -4.86 20.87 11.53
N GLY A 47 -3.66 21.43 11.68
CA GLY A 47 -2.66 20.95 12.66
C GLY A 47 -1.70 19.91 12.08
N ASN A 48 -2.10 19.26 10.98
CA ASN A 48 -1.28 18.27 10.22
C ASN A 48 -0.09 18.96 9.56
N LYS A 49 1.07 18.29 9.57
CA LYS A 49 2.36 18.84 9.10
C LYS A 49 2.80 18.19 7.78
N VAL A 50 2.29 17.02 7.44
CA VAL A 50 2.79 16.32 6.21
C VAL A 50 1.69 16.33 5.16
N SER A 51 2.11 16.46 3.90
CA SER A 51 1.25 16.46 2.68
C SER A 51 1.75 15.36 1.73
N MET A 52 0.82 14.76 0.98
CA MET A 52 1.13 13.71 -0.01
C MET A 52 2.07 14.27 -1.09
N LEU A 53 2.10 15.59 -1.30
CA LEU A 53 3.10 16.25 -2.18
C LEU A 53 4.52 16.07 -1.63
N ASP A 54 4.72 15.75 -0.36
CA ASP A 54 6.10 15.61 0.19
C ASP A 54 6.72 14.27 -0.20
N LEU A 55 5.95 13.28 -0.69
CA LEU A 55 6.35 11.85 -0.79
C LEU A 55 7.56 11.71 -1.71
N PRO A 56 8.54 10.85 -1.37
CA PRO A 56 9.78 10.75 -2.14
C PRO A 56 9.56 10.26 -3.59
N ASP A 57 10.30 10.87 -4.51
CA ASP A 57 10.21 10.63 -5.97
C ASP A 57 10.42 9.13 -6.26
N CYS A 58 11.18 8.42 -5.43
CA CYS A 58 11.63 7.01 -5.69
C CYS A 58 10.65 6.00 -5.08
N LEU A 59 9.54 6.48 -4.50
CA LEU A 59 8.38 5.68 -4.05
C LEU A 59 7.67 5.07 -5.27
N ASP A 60 7.18 3.83 -5.16
CA ASP A 60 6.48 3.13 -6.26
C ASP A 60 4.97 3.30 -6.11
N ILE A 61 4.41 3.05 -4.92
CA ILE A 61 2.94 3.14 -4.69
C ILE A 61 2.67 3.96 -3.43
N ALA A 62 1.76 4.91 -3.54
CA ALA A 62 1.16 5.68 -2.42
C ALA A 62 -0.28 5.20 -2.21
N PHE A 63 -0.58 4.69 -1.02
CA PHE A 63 -1.97 4.29 -0.68
C PHE A 63 -2.66 5.48 -0.02
N VAL A 64 -3.80 5.87 -0.56
CA VAL A 64 -4.82 6.74 0.11
C VAL A 64 -5.60 5.88 1.11
N PHE A 65 -5.38 6.10 2.41
CA PHE A 65 -5.99 5.34 3.53
C PHE A 65 -6.83 6.31 4.36
N PRO A 66 -8.12 6.52 4.00
CA PRO A 66 -9.00 7.38 4.80
C PRO A 66 -9.55 6.65 6.04
N GLU A 67 -9.89 7.38 7.11
CA GLU A 67 -10.63 6.83 8.27
C GLU A 67 -12.14 7.03 8.06
N GLY A 68 -12.53 7.97 7.20
CA GLY A 68 -13.92 8.14 6.77
C GLY A 68 -14.55 9.46 7.22
N ASP A 69 -13.79 10.34 7.84
CA ASP A 69 -14.31 11.66 8.29
C ASP A 69 -13.58 12.80 7.58
N GLU A 70 -12.65 12.49 6.66
CA GLU A 70 -11.78 13.51 6.01
C GLU A 70 -12.67 14.53 5.30
N THR A 71 -12.27 15.81 5.34
CA THR A 71 -13.01 16.96 4.75
C THR A 71 -12.91 16.87 3.23
N ALA A 72 -13.88 17.44 2.51
CA ALA A 72 -13.93 17.53 1.04
C ALA A 72 -12.64 18.20 0.50
N SER A 73 -12.02 19.12 1.23
CA SER A 73 -10.74 19.75 0.80
C SER A 73 -9.74 18.66 0.37
N PHE A 74 -9.51 17.64 1.21
CA PHE A 74 -8.53 16.56 0.96
C PHE A 74 -8.81 15.88 -0.40
N TRP A 75 -10.06 15.42 -0.60
CA TRP A 75 -10.47 14.69 -1.83
C TRP A 75 -10.25 15.55 -3.06
N THR A 76 -10.76 16.79 -3.03
CA THR A 76 -10.54 17.85 -4.05
C THR A 76 -9.03 17.97 -4.35
N THR A 77 -8.23 18.15 -3.30
CA THR A 77 -6.76 18.33 -3.42
C THR A 77 -6.16 17.10 -4.12
N LEU A 78 -6.52 15.90 -3.62
CA LEU A 78 -6.08 14.58 -4.15
C LEU A 78 -6.32 14.57 -5.68
N LYS A 79 -7.57 14.79 -6.09
CA LYS A 79 -7.98 14.70 -7.51
C LYS A 79 -7.22 15.73 -8.32
N ASP A 80 -7.22 16.99 -7.86
CA ASP A 80 -6.83 18.19 -8.67
C ASP A 80 -5.30 18.38 -8.63
N THR A 81 -4.64 18.03 -7.54
CA THR A 81 -3.23 18.43 -7.25
C THR A 81 -2.34 17.20 -7.05
N TYR A 82 -2.60 16.38 -6.02
CA TYR A 82 -1.67 15.31 -5.53
C TYR A 82 -1.45 14.21 -6.58
N VAL A 83 -2.53 13.67 -7.18
CA VAL A 83 -2.46 12.55 -8.15
C VAL A 83 -1.60 12.97 -9.34
N PRO A 84 -1.90 14.10 -10.03
CA PRO A 84 -1.07 14.53 -11.16
C PRO A 84 0.41 14.66 -10.78
N ALA A 85 0.69 15.33 -9.67
CA ALA A 85 2.08 15.56 -9.19
C ALA A 85 2.77 14.21 -8.97
N LEU A 86 2.09 13.32 -8.25
CA LEU A 86 2.63 11.99 -7.91
C LEU A 86 2.76 11.19 -9.21
N HIS A 87 1.85 11.38 -10.17
CA HIS A 87 1.97 10.77 -11.52
C HIS A 87 3.21 11.31 -12.25
N GLY A 88 3.49 12.61 -12.16
CA GLY A 88 4.72 13.23 -12.69
C GLY A 88 5.99 12.52 -12.22
N ARG A 89 6.00 11.98 -11.00
CA ARG A 89 7.18 11.33 -10.38
C ARG A 89 7.17 9.83 -10.65
N GLY A 90 6.25 9.34 -11.49
CA GLY A 90 6.06 7.90 -11.72
C GLY A 90 5.66 7.17 -10.44
N ILE A 91 4.89 7.81 -9.57
CA ILE A 91 4.35 7.20 -8.32
C ILE A 91 2.90 6.80 -8.59
N LYS A 92 2.58 5.54 -8.31
CA LYS A 92 1.21 5.00 -8.45
C LYS A 92 0.44 5.38 -7.19
N VAL A 93 -0.79 5.83 -7.38
CA VAL A 93 -1.70 6.18 -6.26
C VAL A 93 -2.88 5.21 -6.27
N VAL A 94 -3.11 4.55 -5.14
CA VAL A 94 -4.08 3.44 -4.97
C VAL A 94 -4.98 3.74 -3.77
N ARG A 95 -6.28 3.66 -3.96
CA ARG A 95 -7.27 3.81 -2.87
C ARG A 95 -7.32 2.50 -2.09
N SER A 96 -7.25 2.57 -0.75
CA SER A 96 -7.51 1.41 0.13
C SER A 96 -8.93 1.50 0.67
N VAL A 97 -9.55 0.34 0.79
CA VAL A 97 -10.90 0.17 1.37
C VAL A 97 -10.86 -1.09 2.22
N GLY A 98 -11.67 -1.12 3.26
CA GLY A 98 -11.79 -2.30 4.12
C GLY A 98 -12.66 -3.34 3.47
N ILE A 99 -12.43 -4.60 3.81
CA ILE A 99 -13.22 -5.77 3.33
C ILE A 99 -14.67 -5.57 3.76
N ALA A 100 -14.90 -4.83 4.85
CA ALA A 100 -16.26 -4.47 5.36
C ALA A 100 -17.11 -3.86 4.22
N GLN A 101 -16.50 -3.06 3.35
CA GLN A 101 -17.14 -2.42 2.20
C GLN A 101 -17.65 -3.47 1.19
N LEU A 102 -16.97 -4.62 1.07
CA LEU A 102 -17.27 -5.64 0.02
C LEU A 102 -18.29 -6.64 0.57
N ILE A 103 -18.64 -6.54 1.86
CA ILE A 103 -19.57 -7.51 2.51
C ILE A 103 -20.74 -6.74 3.13
N ASN A 104 -20.85 -5.47 2.79
CA ASN A 104 -21.96 -4.57 3.18
C ASN A 104 -23.30 -5.17 2.70
N THR A 105 -24.21 -5.48 3.62
CA THR A 105 -25.50 -6.17 3.34
C THR A 105 -26.54 -5.21 2.73
N ALA A 106 -26.30 -3.90 2.73
CA ALA A 106 -27.04 -2.93 1.87
C ALA A 106 -26.92 -3.30 0.39
N TRP A 107 -25.93 -4.11 -0.01
CA TRP A 107 -25.71 -4.51 -1.42
C TRP A 107 -26.10 -5.98 -1.58
N ASP A 108 -26.96 -6.27 -2.56
CA ASP A 108 -27.51 -7.62 -2.82
C ASP A 108 -26.35 -8.61 -2.88
N ASN A 109 -26.50 -9.78 -2.25
CA ASN A 109 -25.55 -10.91 -2.34
C ASN A 109 -25.91 -11.76 -3.56
N THR A 110 -25.79 -11.14 -4.74
CA THR A 110 -26.19 -11.67 -6.06
C THR A 110 -25.20 -11.19 -7.11
N PRO A 111 -25.11 -11.84 -8.28
CA PRO A 111 -24.27 -11.32 -9.37
C PRO A 111 -24.45 -9.82 -9.62
N ALA A 112 -25.70 -9.37 -9.77
CA ALA A 112 -26.08 -7.95 -10.00
C ALA A 112 -25.53 -7.12 -8.83
N GLY A 113 -25.67 -7.63 -7.61
CA GLY A 113 -25.22 -6.94 -6.38
C GLY A 113 -23.71 -6.79 -6.39
N TRP A 114 -23.00 -7.81 -6.82
CA TRP A 114 -21.52 -7.82 -6.83
C TRP A 114 -21.05 -6.75 -7.82
N GLN A 115 -21.67 -6.72 -9.00
CA GLN A 115 -21.36 -5.73 -10.07
C GLN A 115 -21.68 -4.33 -9.55
N GLY A 116 -22.89 -4.14 -9.00
CA GLY A 116 -23.33 -2.84 -8.50
C GLY A 116 -22.31 -2.33 -7.49
N LEU A 117 -21.89 -3.19 -6.58
CA LEU A 117 -20.93 -2.84 -5.49
C LEU A 117 -19.55 -2.54 -6.12
N ALA A 118 -19.10 -3.38 -7.05
CA ALA A 118 -17.83 -3.14 -7.78
C ALA A 118 -17.85 -1.77 -8.46
N ASP A 119 -18.97 -1.44 -9.12
CA ASP A 119 -19.15 -0.17 -9.87
C ASP A 119 -18.99 1.01 -8.92
N ALA A 120 -19.53 0.86 -7.70
CA ALA A 120 -19.53 1.90 -6.66
C ALA A 120 -18.10 2.06 -6.17
N LEU A 121 -17.41 0.96 -5.94
CA LEU A 121 -15.99 0.98 -5.52
C LEU A 121 -15.12 1.52 -6.66
N MET A 122 -15.42 1.18 -7.92
CA MET A 122 -14.62 1.69 -9.07
C MET A 122 -14.68 3.23 -9.16
N LYS A 123 -15.72 3.86 -8.63
CA LYS A 123 -15.89 5.34 -8.65
C LYS A 123 -14.84 5.96 -7.74
N THR A 124 -14.43 5.30 -6.67
CA THR A 124 -13.36 5.79 -5.76
C THR A 124 -12.03 5.81 -6.51
N VAL A 125 -11.92 5.04 -7.60
CA VAL A 125 -10.68 4.95 -8.43
C VAL A 125 -10.79 5.96 -9.57
N ASP A 126 -11.79 5.79 -10.43
CA ASP A 126 -12.00 6.57 -11.69
C ASP A 126 -12.11 8.07 -11.37
N ASP A 127 -12.94 8.42 -10.40
CA ASP A 127 -13.27 9.84 -10.10
C ASP A 127 -12.00 10.56 -9.64
N TYR A 128 -10.91 9.86 -9.32
CA TYR A 128 -9.65 10.47 -8.81
C TYR A 128 -8.47 10.17 -9.72
N GLY A 129 -8.70 9.50 -10.86
CA GLY A 129 -7.65 9.05 -11.81
C GLY A 129 -6.63 8.14 -11.14
N LEU A 130 -7.07 7.32 -10.19
CA LEU A 130 -6.17 6.46 -9.38
C LEU A 130 -5.72 5.25 -10.22
N ASP A 131 -4.65 4.59 -9.75
CA ASP A 131 -3.97 3.47 -10.45
C ASP A 131 -4.55 2.12 -10.01
N GLY A 132 -5.49 2.11 -9.05
CA GLY A 132 -6.19 0.90 -8.64
C GLY A 132 -6.77 0.97 -7.24
N LEU A 133 -7.03 -0.19 -6.67
CA LEU A 133 -7.75 -0.39 -5.40
C LEU A 133 -7.01 -1.41 -4.54
N ASP A 134 -6.91 -1.14 -3.27
CA ASP A 134 -6.26 -2.00 -2.25
C ASP A 134 -7.35 -2.48 -1.27
N ILE A 135 -7.59 -3.78 -1.18
CA ILE A 135 -8.58 -4.34 -0.22
C ILE A 135 -7.82 -4.79 1.03
N ASN A 136 -8.20 -4.24 2.17
CA ASN A 136 -7.61 -4.51 3.50
C ASN A 136 -8.43 -5.61 4.21
N VAL A 137 -7.88 -6.82 4.27
CA VAL A 137 -8.57 -8.04 4.78
C VAL A 137 -7.92 -8.48 6.10
N GLN A 138 -8.59 -8.21 7.22
CA GLN A 138 -8.06 -8.45 8.58
C GLN A 138 -9.11 -9.20 9.38
N GLN A 139 -9.86 -10.10 8.75
CA GLN A 139 -10.94 -10.86 9.46
C GLN A 139 -11.34 -12.07 8.63
N SER A 140 -11.77 -13.14 9.29
CA SER A 140 -12.32 -14.32 8.59
C SER A 140 -13.76 -13.98 8.16
N LEU A 141 -14.35 -14.77 7.28
CA LEU A 141 -15.67 -14.46 6.71
C LEU A 141 -16.55 -15.70 6.84
N ASN A 142 -17.85 -15.52 7.08
CA ASN A 142 -18.85 -16.64 6.95
C ASN A 142 -19.09 -16.94 5.47
N ALA A 143 -19.86 -17.97 5.17
CA ALA A 143 -20.09 -18.45 3.79
C ALA A 143 -20.71 -17.33 2.91
N ASN A 144 -21.61 -16.50 3.46
CA ASN A 144 -22.34 -15.45 2.70
C ASN A 144 -21.42 -14.26 2.44
N GLN A 145 -20.68 -13.83 3.46
CA GLN A 145 -19.65 -12.77 3.35
C GLN A 145 -18.59 -13.18 2.32
N LEU A 146 -18.13 -14.43 2.35
CA LEU A 146 -17.13 -14.97 1.41
C LEU A 146 -17.68 -14.90 -0.01
N LYS A 147 -18.94 -15.33 -0.19
CA LYS A 147 -19.61 -15.42 -1.51
C LYS A 147 -19.71 -14.01 -2.10
N GLN A 148 -20.06 -13.00 -1.29
CA GLN A 148 -20.23 -11.59 -1.73
C GLN A 148 -18.86 -10.99 -2.09
N ALA A 149 -17.90 -11.07 -1.17
CA ALA A 149 -16.51 -10.56 -1.37
C ALA A 149 -15.89 -11.22 -2.61
N THR A 150 -16.09 -12.51 -2.81
CA THR A 150 -15.49 -13.20 -3.98
C THR A 150 -16.11 -12.61 -5.26
N GLY A 151 -17.43 -12.49 -5.26
CA GLY A 151 -18.18 -11.89 -6.37
C GLY A 151 -17.70 -10.50 -6.69
N VAL A 152 -17.48 -9.66 -5.68
CA VAL A 152 -17.02 -8.27 -5.89
C VAL A 152 -15.63 -8.29 -6.52
N PHE A 153 -14.72 -9.12 -6.00
CA PHE A 153 -13.34 -9.24 -6.52
C PHE A 153 -13.44 -9.60 -8.01
N ASN A 154 -14.27 -10.60 -8.34
CA ASN A 154 -14.41 -11.12 -9.72
C ASN A 154 -14.92 -9.99 -10.64
N ALA A 155 -15.83 -9.13 -10.16
CA ALA A 155 -16.37 -7.98 -10.93
C ALA A 155 -15.29 -6.90 -11.07
N LEU A 156 -14.57 -6.58 -10.00
CA LEU A 156 -13.47 -5.59 -10.02
C LEU A 156 -12.40 -6.06 -11.00
N ALA A 157 -12.18 -7.38 -11.10
CA ALA A 157 -11.12 -8.00 -11.91
C ALA A 157 -11.33 -7.64 -13.38
N LYS A 158 -12.53 -7.22 -13.77
CA LYS A 158 -12.81 -6.82 -15.17
C LYS A 158 -12.17 -5.46 -15.47
N LYS A 159 -11.87 -4.65 -14.45
CA LYS A 159 -11.29 -3.29 -14.63
C LYS A 159 -9.90 -3.19 -14.01
N LEU A 160 -9.58 -4.01 -13.00
CA LEU A 160 -8.31 -3.93 -12.24
C LEU A 160 -7.62 -5.30 -12.21
N GLY A 161 -6.30 -5.28 -12.11
CA GLY A 161 -5.50 -6.48 -11.83
C GLY A 161 -5.22 -7.29 -13.09
N PRO A 162 -4.61 -8.48 -12.93
CA PRO A 162 -4.07 -9.25 -14.05
C PRO A 162 -5.11 -9.75 -15.06
N LYS A 163 -6.40 -9.74 -14.73
CA LYS A 163 -7.45 -10.26 -15.63
C LYS A 163 -8.01 -9.16 -16.53
N SER A 164 -7.75 -7.88 -16.20
CA SER A 164 -8.39 -6.69 -16.78
C SER A 164 -7.63 -6.25 -18.05
N GLY A 165 -6.32 -6.38 -18.05
CA GLY A 165 -5.49 -5.83 -19.14
C GLY A 165 -5.44 -4.32 -19.13
N THR A 166 -5.85 -3.65 -18.06
CA THR A 166 -5.88 -2.17 -18.03
C THR A 166 -4.56 -1.63 -17.51
N GLY A 167 -3.74 -2.49 -16.92
CA GLY A 167 -2.53 -2.06 -16.21
C GLY A 167 -2.83 -1.49 -14.83
N LYS A 168 -4.11 -1.40 -14.45
CA LYS A 168 -4.48 -0.91 -13.10
C LYS A 168 -4.35 -2.09 -12.12
N LEU A 169 -4.11 -1.78 -10.85
CA LEU A 169 -3.79 -2.75 -9.77
C LEU A 169 -5.03 -3.14 -8.97
N LEU A 170 -5.08 -4.43 -8.61
CA LEU A 170 -6.03 -4.94 -7.59
C LEU A 170 -5.16 -5.58 -6.51
N ILE A 171 -5.10 -4.95 -5.35
CA ILE A 171 -4.14 -5.34 -4.28
C ILE A 171 -4.91 -5.97 -3.10
N PHE A 172 -4.35 -7.06 -2.59
CA PHE A 172 -4.86 -7.80 -1.43
C PHE A 172 -3.86 -7.54 -0.30
N ASP A 173 -4.25 -6.76 0.69
CA ASP A 173 -3.41 -6.50 1.88
C ASP A 173 -4.08 -7.22 3.05
N THR A 174 -3.31 -7.97 3.84
CA THR A 174 -3.88 -8.78 4.92
C THR A 174 -2.88 -9.01 6.05
N ASN A 175 -3.39 -9.32 7.23
CA ASN A 175 -2.57 -9.78 8.37
C ASN A 175 -2.83 -11.27 8.61
N MET A 176 -3.53 -11.94 7.68
CA MET A 176 -3.77 -13.40 7.77
C MET A 176 -2.98 -14.08 6.65
N ASP A 177 -3.08 -15.40 6.49
CA ASP A 177 -2.16 -16.17 5.58
C ASP A 177 -2.95 -16.70 4.38
N GLY A 178 -2.27 -17.46 3.52
CA GLY A 178 -2.77 -17.85 2.21
C GLY A 178 -3.71 -19.04 2.30
N THR A 179 -4.08 -19.46 3.51
CA THR A 179 -5.12 -20.49 3.76
C THR A 179 -6.50 -19.83 3.91
N GLN A 180 -6.58 -18.51 4.10
CA GLN A 180 -7.86 -17.79 4.23
C GLN A 180 -8.68 -18.05 2.96
N PRO A 181 -9.93 -18.58 3.10
CA PRO A 181 -10.76 -18.91 1.94
C PRO A 181 -10.90 -17.76 0.94
N LEU A 182 -10.94 -16.51 1.37
CA LEU A 182 -11.11 -15.41 0.40
C LEU A 182 -9.92 -15.39 -0.56
N TRP A 183 -8.71 -15.57 -0.05
CA TRP A 183 -7.46 -15.64 -0.86
C TRP A 183 -7.58 -16.80 -1.86
N ARG A 184 -8.06 -17.96 -1.39
CA ARG A 184 -8.17 -19.19 -2.22
C ARG A 184 -9.12 -18.94 -3.39
N ASN A 185 -10.06 -18.01 -3.22
CA ASN A 185 -11.15 -17.72 -4.20
C ASN A 185 -10.69 -16.63 -5.17
N VAL A 186 -9.89 -15.66 -4.71
CA VAL A 186 -9.66 -14.41 -5.49
C VAL A 186 -8.18 -14.30 -5.91
N TYR A 187 -7.31 -15.24 -5.54
CA TYR A 187 -5.87 -15.14 -5.90
C TYR A 187 -5.69 -14.88 -7.39
N PRO A 188 -6.49 -15.45 -8.33
CA PRO A 188 -6.29 -15.16 -9.75
C PRO A 188 -6.55 -13.71 -10.21
N THR A 189 -7.12 -12.86 -9.35
CA THR A 189 -7.53 -11.46 -9.70
C THR A 189 -6.48 -10.45 -9.20
N ILE A 190 -5.45 -10.89 -8.48
CA ILE A 190 -4.60 -10.04 -7.60
C ILE A 190 -3.26 -9.63 -8.26
N SER A 191 -2.96 -8.34 -8.19
CA SER A 191 -1.71 -7.72 -8.73
C SER A 191 -0.61 -8.02 -7.72
N TYR A 192 -0.76 -7.51 -6.50
CA TYR A 192 0.21 -7.68 -5.40
C TYR A 192 -0.55 -8.19 -4.18
N VAL A 193 0.15 -8.96 -3.35
CA VAL A 193 -0.34 -9.34 -2.00
C VAL A 193 0.63 -8.74 -0.96
N LEU A 194 0.09 -7.88 -0.09
CA LEU A 194 0.88 -7.12 0.93
C LEU A 194 0.53 -7.71 2.29
N ILE A 195 1.54 -8.27 2.97
CA ILE A 195 1.38 -8.90 4.31
C ILE A 195 1.77 -7.89 5.37
N GLN A 196 0.76 -7.39 6.09
CA GLN A 196 0.89 -6.60 7.33
C GLN A 196 1.73 -7.42 8.32
N SER A 197 2.97 -7.02 8.57
CA SER A 197 3.92 -7.81 9.37
C SER A 197 4.48 -6.95 10.51
N TYR A 198 3.65 -6.11 11.13
CA TYR A 198 4.08 -5.19 12.21
C TYR A 198 4.44 -6.02 13.47
N GLY A 199 5.63 -5.79 14.03
CA GLY A 199 6.11 -6.41 15.28
C GLY A 199 6.51 -7.89 15.14
N ARG A 200 6.61 -8.39 13.91
CA ARG A 200 6.64 -9.85 13.65
C ARG A 200 8.09 -10.37 13.69
N SER A 201 8.24 -11.61 14.14
CA SER A 201 9.52 -12.38 14.13
C SER A 201 10.03 -12.51 12.69
N ILE A 202 11.29 -12.18 12.44
CA ILE A 202 11.95 -12.40 11.12
C ILE A 202 11.95 -13.91 10.81
N SER A 203 11.95 -14.76 11.84
CA SER A 203 12.00 -16.23 11.70
C SER A 203 10.70 -16.74 11.10
N GLY A 204 9.64 -15.92 11.09
CA GLY A 204 8.30 -16.33 10.65
C GLY A 204 8.07 -16.02 9.17
N LEU A 205 8.87 -15.15 8.57
CA LEU A 205 8.55 -14.52 7.26
C LEU A 205 8.44 -15.59 6.17
N GLN A 206 9.29 -16.60 6.23
CA GLN A 206 9.33 -17.75 5.27
C GLN A 206 8.06 -18.57 5.45
N THR A 207 7.68 -18.86 6.69
CA THR A 207 6.49 -19.68 7.02
C THR A 207 5.25 -19.01 6.43
N THR A 208 5.10 -17.71 6.61
CA THR A 208 3.92 -16.96 6.11
C THR A 208 3.98 -17.00 4.59
N TYR A 209 5.16 -16.79 4.01
CA TYR A 209 5.36 -16.68 2.54
C TYR A 209 4.98 -18.00 1.88
N ASN A 210 5.34 -19.10 2.54
CA ASN A 210 5.15 -20.48 2.05
C ASN A 210 3.64 -20.71 1.85
N SER A 211 2.81 -20.07 2.68
CA SER A 211 1.33 -20.19 2.65
C SER A 211 0.76 -19.57 1.37
N PHE A 212 1.53 -18.73 0.68
CA PHE A 212 1.04 -17.94 -0.47
C PHE A 212 1.71 -18.35 -1.77
N LYS A 213 2.90 -18.95 -1.68
CA LYS A 213 3.88 -18.99 -2.80
C LYS A 213 3.32 -19.81 -3.94
N SER A 214 2.49 -20.80 -3.64
CA SER A 214 1.89 -21.68 -4.67
C SER A 214 0.88 -20.91 -5.51
N TYR A 215 0.44 -19.71 -5.10
CA TYR A 215 -0.63 -18.95 -5.78
C TYR A 215 -0.11 -17.70 -6.50
N ILE A 216 1.21 -17.46 -6.44
CA ILE A 216 1.79 -16.17 -6.93
C ILE A 216 3.22 -16.43 -7.41
N SER A 217 3.86 -15.43 -8.01
CA SER A 217 5.33 -15.35 -8.08
C SER A 217 5.80 -14.48 -6.92
N SER A 218 7.03 -14.70 -6.51
CA SER A 218 7.70 -14.00 -5.39
C SER A 218 7.62 -12.46 -5.60
N LYS A 219 7.61 -12.00 -6.84
CA LYS A 219 7.62 -10.55 -7.18
C LYS A 219 6.26 -9.87 -6.86
N GLN A 220 5.22 -10.65 -6.58
CA GLN A 220 3.91 -10.11 -6.16
C GLN A 220 3.89 -9.92 -4.65
N TYR A 221 4.80 -10.54 -3.91
CA TYR A 221 4.81 -10.54 -2.42
C TYR A 221 5.57 -9.34 -1.85
N LEU A 222 4.90 -8.60 -0.96
CA LEU A 222 5.48 -7.52 -0.12
C LEU A 222 5.21 -7.79 1.35
N ILE A 223 6.15 -7.41 2.20
CA ILE A 223 5.98 -7.41 3.68
C ILE A 223 5.95 -5.96 4.17
N GLY A 224 5.09 -5.67 5.16
CA GLY A 224 4.86 -4.32 5.70
C GLY A 224 5.31 -4.21 7.14
N PHE A 225 6.02 -3.12 7.45
CA PHE A 225 6.34 -2.68 8.82
C PHE A 225 5.49 -1.43 9.10
N SER A 226 5.34 -1.04 10.37
CA SER A 226 4.66 0.24 10.76
C SER A 226 5.70 1.27 11.22
N PHE A 227 5.49 2.52 10.81
CA PHE A 227 6.01 3.73 11.50
C PHE A 227 5.23 3.94 12.82
N TYR A 228 5.79 4.69 13.76
CA TYR A 228 5.12 4.97 15.06
C TYR A 228 3.96 5.95 14.82
N GLU A 229 2.75 5.50 15.16
CA GLU A 229 1.56 6.36 15.05
C GLU A 229 1.44 7.13 16.35
N GLU A 230 1.20 8.44 16.28
CA GLU A 230 0.83 9.28 17.44
C GLU A 230 -0.21 8.51 18.28
N ASN A 231 0.12 8.25 19.54
CA ASN A 231 -0.75 7.56 20.53
C ASN A 231 -1.08 6.15 20.04
N GLY A 232 -0.22 5.54 19.21
CA GLY A 232 -0.55 4.27 18.53
C GLY A 232 0.03 3.07 19.26
N THR A 233 -0.11 1.89 18.67
CA THR A 233 0.60 0.65 19.09
C THR A 233 2.12 0.81 18.92
N ASN A 234 2.88 0.31 19.89
CA ASN A 234 4.36 0.26 19.79
C ASN A 234 4.75 -1.09 19.17
N TRP A 235 4.83 -1.15 17.84
CA TRP A 235 5.29 -2.34 17.07
C TRP A 235 6.81 -2.50 17.22
N GLY A 236 7.55 -1.40 17.37
CA GLY A 236 9.00 -1.46 17.54
C GLY A 236 9.68 -1.85 16.23
N ASP A 237 9.10 -1.42 15.10
CA ASP A 237 9.55 -1.77 13.73
C ASP A 237 10.63 -0.78 13.25
N THR A 238 10.69 0.41 13.87
CA THR A 238 11.56 1.53 13.45
C THR A 238 12.50 1.97 14.59
N THR A 239 13.05 1.03 15.36
CA THR A 239 14.01 1.32 16.46
C THR A 239 15.34 1.76 15.84
N THR A 240 16.10 2.55 16.59
CA THR A 240 17.49 2.97 16.25
C THR A 240 18.44 1.98 16.92
N PRO A 241 19.61 1.68 16.29
CA PRO A 241 19.93 2.21 14.95
C PRO A 241 19.03 1.60 13.86
N MET A 242 18.93 2.31 12.75
CA MET A 242 18.09 1.93 11.58
C MET A 242 18.49 0.54 11.05
N THR A 243 19.78 0.33 10.79
CA THR A 243 20.29 -0.89 10.10
C THR A 243 20.16 -2.10 11.04
N SER A 244 19.64 -1.94 12.26
CA SER A 244 19.25 -3.07 13.14
C SER A 244 17.72 -3.23 13.20
N SER A 245 16.96 -2.27 12.67
CA SER A 245 15.47 -2.24 12.76
C SER A 245 14.83 -3.43 12.04
N ARG A 246 13.65 -3.83 12.50
CA ARG A 246 12.78 -4.80 11.80
C ARG A 246 12.53 -4.31 10.36
N ALA A 247 12.29 -3.02 10.16
CA ALA A 247 12.07 -2.43 8.82
C ALA A 247 13.26 -2.74 7.92
N TRP A 248 14.47 -2.59 8.44
CA TRP A 248 15.74 -2.81 7.70
C TRP A 248 15.85 -4.30 7.37
N GLN A 249 15.62 -5.15 8.36
CA GLN A 249 15.65 -6.61 8.19
C GLN A 249 14.63 -7.02 7.11
N TYR A 250 13.47 -6.38 7.05
CA TYR A 250 12.42 -6.63 6.02
C TYR A 250 12.95 -6.27 4.62
N ALA A 251 13.60 -5.13 4.47
CA ALA A 251 14.18 -4.68 3.20
C ALA A 251 15.20 -5.71 2.67
N LYS A 252 15.98 -6.33 3.57
CA LYS A 252 17.10 -7.27 3.30
C LYS A 252 16.60 -8.71 3.11
N TRP A 253 15.48 -9.07 3.75
CA TRP A 253 14.93 -10.45 3.74
C TRP A 253 14.48 -10.84 2.33
N GLN A 254 14.76 -12.09 1.97
CA GLN A 254 14.35 -12.69 0.69
C GLN A 254 13.85 -14.09 1.00
N PRO A 255 12.76 -14.55 0.35
CA PRO A 255 12.31 -15.92 0.53
C PRO A 255 13.42 -16.86 0.01
N SER A 256 13.52 -18.07 0.57
CA SER A 256 14.57 -19.02 0.14
C SER A 256 14.37 -19.34 -1.35
N GLY A 257 15.40 -19.10 -2.15
CA GLY A 257 15.44 -19.52 -3.57
C GLY A 257 14.88 -18.46 -4.49
N ALA A 258 14.29 -17.39 -3.97
CA ALA A 258 13.59 -16.41 -4.82
C ALA A 258 13.73 -14.99 -4.26
N THR A 259 13.26 -14.02 -5.04
CA THR A 259 13.27 -12.57 -4.71
C THR A 259 11.84 -12.03 -4.57
N LYS A 260 11.56 -11.47 -3.39
CA LYS A 260 10.27 -10.84 -3.00
C LYS A 260 10.04 -9.59 -3.85
N GLY A 261 8.79 -9.15 -3.92
CA GLY A 261 8.36 -7.96 -4.67
C GLY A 261 8.84 -6.65 -4.06
N GLY A 262 8.87 -6.56 -2.73
CA GLY A 262 9.32 -5.35 -2.03
C GLY A 262 8.79 -5.30 -0.60
N ILE A 263 8.66 -4.10 -0.07
CA ILE A 263 8.17 -3.83 1.30
C ILE A 263 7.25 -2.61 1.25
N PHE A 264 6.39 -2.48 2.26
CA PHE A 264 5.52 -1.29 2.40
C PHE A 264 5.63 -0.82 3.85
N SER A 265 5.38 0.46 4.06
CA SER A 265 5.21 1.06 5.40
C SER A 265 3.74 1.38 5.63
N TYR A 266 3.24 1.12 6.84
CA TYR A 266 2.00 1.77 7.34
C TYR A 266 2.37 3.14 7.91
N ALA A 267 1.49 4.14 7.75
CA ALA A 267 1.65 5.50 8.27
C ALA A 267 2.98 6.07 7.79
N ILE A 268 3.19 6.07 6.47
CA ILE A 268 4.40 6.64 5.82
C ILE A 268 4.48 8.15 6.14
N ASP A 269 3.37 8.76 6.58
CA ASP A 269 3.32 10.20 6.98
C ASP A 269 4.06 10.43 8.31
N ARG A 270 4.46 9.37 9.02
CA ARG A 270 5.15 9.39 10.33
C ARG A 270 6.61 8.94 10.18
N ASP A 271 7.16 8.99 8.96
CA ASP A 271 8.52 8.50 8.63
C ASP A 271 9.52 9.31 9.46
N GLY A 272 10.24 8.63 10.35
CA GLY A 272 11.36 9.25 11.10
C GLY A 272 10.99 9.75 12.48
N VAL A 273 9.68 9.87 12.80
CA VAL A 273 9.21 10.28 14.15
C VAL A 273 9.53 9.17 15.15
N ALA A 274 10.21 9.49 16.24
CA ALA A 274 10.68 8.52 17.27
C ALA A 274 9.49 7.78 17.90
N ILE A 275 9.73 6.55 18.30
CA ILE A 275 8.74 5.73 19.06
C ILE A 275 8.47 6.39 20.42
N GLY A 276 7.25 6.88 20.67
CA GLY A 276 6.83 7.54 21.93
C GLY A 276 6.49 9.00 21.70
N ASP A 277 7.05 9.63 20.66
CA ASP A 277 6.80 11.04 20.28
C ASP A 277 5.43 11.15 19.63
N ASN A 278 4.43 11.61 20.40
CA ASN A 278 3.01 11.62 20.01
C ASN A 278 2.65 12.96 19.36
N THR A 279 3.63 13.82 19.09
CA THR A 279 3.38 15.11 18.38
C THR A 279 3.38 14.84 16.88
N LEU A 280 2.70 15.67 16.10
CA LEU A 280 2.80 15.66 14.62
C LEU A 280 4.04 16.48 14.28
N LYS A 281 4.79 16.00 13.28
CA LYS A 281 6.05 16.59 12.75
C LYS A 281 6.07 16.45 11.22
N THR A 282 6.90 17.27 10.57
CA THR A 282 7.27 17.17 9.15
C THR A 282 8.17 15.95 8.98
N THR A 283 8.50 15.59 7.74
CA THR A 283 9.37 14.42 7.42
C THR A 283 10.02 14.64 6.04
N ASP A 284 11.29 14.22 5.91
CA ASP A 284 12.08 14.19 4.64
C ASP A 284 12.14 12.75 4.14
N PHE A 285 11.36 11.85 4.75
CA PHE A 285 11.21 10.44 4.33
C PHE A 285 12.58 9.75 4.27
N THR A 286 13.42 10.02 5.26
CA THR A 286 14.76 9.41 5.41
C THR A 286 14.58 7.90 5.31
N TRP A 287 13.73 7.33 6.17
CA TRP A 287 13.59 5.87 6.34
C TRP A 287 13.14 5.23 5.02
N THR A 288 12.18 5.84 4.35
CA THR A 288 11.66 5.35 3.04
C THR A 288 12.84 5.28 2.07
N ARG A 289 13.48 6.43 1.77
CA ARG A 289 14.57 6.56 0.75
C ARG A 289 15.73 5.64 1.13
N GLN A 290 16.11 5.57 2.41
CA GLN A 290 17.18 4.68 2.91
C GLN A 290 16.82 3.22 2.61
N LEU A 291 15.56 2.83 2.85
CA LEU A 291 15.10 1.42 2.72
C LEU A 291 14.96 1.03 1.23
N ILE A 292 14.58 1.96 0.36
CA ILE A 292 14.64 1.84 -1.13
C ILE A 292 16.08 1.46 -1.53
N GLY A 293 17.07 2.22 -1.06
CA GLY A 293 18.51 1.99 -1.30
C GLY A 293 18.98 0.65 -0.76
N ALA A 294 18.58 0.28 0.47
CA ALA A 294 18.89 -1.03 1.10
C ALA A 294 18.33 -2.22 0.30
N MET A 295 17.34 -2.02 -0.58
CA MET A 295 16.68 -3.07 -1.38
C MET A 295 17.29 -3.08 -2.79
N ASN A 296 17.79 -1.95 -3.26
CA ASN A 296 18.23 -1.80 -4.68
C ASN A 296 19.62 -1.18 -4.69
N PRO A 297 20.67 -1.89 -4.20
CA PRO A 297 22.00 -1.30 -4.00
C PRO A 297 22.94 -1.29 -5.22
#